data_2J9T
#
_entry.id   2J9T
#
_cell.length_a   136.470
_cell.length_b   89.840
_cell.length_c   50.150
_cell.angle_alpha   90.00
_cell.angle_beta   90.00
_cell.angle_gamma   90.00
#
_symmetry.space_group_name_H-M   'P 21 21 2'
#
loop_
_entity.id
_entity.type
_entity.pdbx_description
1 polymer 'MEMBRANE ANTIGEN'
2 non-polymer 'BORIC ACID'
3 non-polymer 'CITRATE ANION'
4 water water
#
_entity_poly.entity_id   1
_entity_poly.type   'polypeptide(L)'
_entity_poly.pdbx_seq_one_letter_code
;GSALTVRDWPALEALAKTMPADAGARAMTDDDLRAAGVDRRVPEQKLGAAIDEFASLRLPDRIDGRFVDGRRANLTVFDD
ARVAVRGHARAQRNLLERLETELLGGTLDTAGDEGGIQPDPILQGLVDVIGQGKSDIDAYATIVEGLTKYFQSVADVMSK
LQDYISAKDDKNMKIDGGKIKALIQQVIDHLPTMQLPKGADIARWRKELGDAVSISDSGVVTINPDKLIKMRDSLPPDGT
VWDTARYQAWNTAFSGQKDNIQNDVQTLVEKYSHQNSNFDNLVKVLSGAISTLTDTAKSYLQI
;
_entity_poly.pdbx_strand_id   A,B
#
loop_
_chem_comp.id
_chem_comp.type
_chem_comp.name
_chem_comp.formula
BO3 non-polymer 'BORIC ACID' 'B H3 O3'
FLC non-polymer 'CITRATE ANION' 'C6 H5 O7 -3'
#
# COMPACT_ATOMS: atom_id res chain seq x y z
N MET A 28 -2.21 3.67 24.60
CA MET A 28 -1.05 3.36 23.77
C MET A 28 0.05 4.40 23.95
N THR A 29 1.29 3.93 24.15
CA THR A 29 2.42 4.84 24.34
C THR A 29 3.17 5.08 23.03
N ASP A 30 4.13 6.00 23.08
CA ASP A 30 4.93 6.32 21.90
C ASP A 30 5.72 5.09 21.45
N ASP A 31 6.17 4.30 22.42
CA ASP A 31 6.94 3.09 22.13
C ASP A 31 6.03 1.98 21.63
N ASP A 32 4.77 2.01 22.06
CA ASP A 32 3.80 1.03 21.60
C ASP A 32 3.67 1.22 20.10
N LEU A 33 3.57 2.49 19.70
CA LEU A 33 3.48 2.87 18.29
C LEU A 33 4.66 2.32 17.51
N ARG A 34 5.87 2.52 18.04
CA ARG A 34 7.10 2.07 17.39
C ARG A 34 7.18 0.55 17.26
N ALA A 35 6.81 -0.15 18.33
CA ALA A 35 6.81 -1.61 18.31
C ALA A 35 5.85 -2.08 17.22
N ALA A 36 4.80 -1.30 16.98
CA ALA A 36 3.81 -1.61 15.96
C ALA A 36 4.31 -1.26 14.56
N GLY A 37 5.53 -0.75 14.49
CA GLY A 37 6.16 -0.43 13.20
C GLY A 37 6.05 1.04 12.75
N VAL A 38 5.36 1.85 13.54
CA VAL A 38 5.15 3.25 13.21
C VAL A 38 6.10 4.20 13.95
N ASP A 39 7.14 4.66 13.24
CA ASP A 39 8.11 5.62 13.81
C ASP A 39 8.23 6.83 12.90
N ARG A 40 7.57 7.92 13.27
CA ARG A 40 7.56 9.13 12.46
C ARG A 40 8.89 9.83 12.34
N ARG A 41 9.78 9.61 13.31
CA ARG A 41 11.10 10.24 13.31
C ARG A 41 11.90 9.86 12.08
N VAL A 42 11.66 8.64 11.59
CA VAL A 42 12.40 8.13 10.44
C VAL A 42 12.22 8.98 9.17
N PRO A 43 11.02 9.00 8.61
CA PRO A 43 10.75 9.79 7.42
C PRO A 43 11.07 11.27 7.64
N GLU A 44 10.77 11.76 8.85
CA GLU A 44 11.01 13.17 9.16
C GLU A 44 12.50 13.54 9.14
N GLN A 45 13.33 12.65 9.67
CA GLN A 45 14.77 12.86 9.67
C GLN A 45 15.30 12.83 8.23
N LYS A 46 14.82 11.87 7.46
CA LYS A 46 15.23 11.72 6.07
C LYS A 46 14.85 12.95 5.22
N LEU A 47 13.63 13.47 5.42
CA LEU A 47 13.20 14.65 4.69
C LEU A 47 14.08 15.83 5.08
N GLY A 48 14.49 15.87 6.34
CA GLY A 48 15.37 16.93 6.82
C GLY A 48 16.77 16.82 6.17
N ALA A 49 17.24 15.59 5.99
CA ALA A 49 18.54 15.34 5.39
C ALA A 49 18.55 15.79 3.93
N ALA A 50 17.42 15.60 3.26
CA ALA A 50 17.27 15.99 1.86
C ALA A 50 17.22 17.51 1.75
N ILE A 51 16.60 18.16 2.73
CA ILE A 51 16.52 19.62 2.77
C ILE A 51 17.92 20.19 3.02
N ASP A 52 18.69 19.52 3.86
CA ASP A 52 20.06 19.92 4.17
C ASP A 52 20.97 19.74 2.95
N GLU A 53 20.73 18.67 2.20
CA GLU A 53 21.50 18.40 0.98
C GLU A 53 21.20 19.52 -0.02
N PHE A 54 19.93 19.91 -0.09
CA PHE A 54 19.51 20.97 -1.00
C PHE A 54 20.15 22.30 -0.63
N ALA A 55 20.11 22.66 0.65
CA ALA A 55 20.66 23.92 1.11
C ALA A 55 22.16 24.07 0.84
N SER A 56 22.89 22.95 0.90
CA SER A 56 24.33 22.95 0.69
C SER A 56 24.75 23.21 -0.76
N LEU A 57 23.82 22.99 -1.70
CA LEU A 57 24.08 23.26 -3.11
C LEU A 57 24.54 24.71 -3.24
N ARG A 58 25.53 24.94 -4.08
CA ARG A 58 26.05 26.28 -4.28
C ARG A 58 26.66 26.48 -5.65
N LEU A 59 26.29 27.58 -6.29
CA LEU A 59 26.78 27.90 -7.64
C LEU A 59 28.24 28.33 -7.58
N PRO A 60 28.94 28.18 -8.71
CA PRO A 60 30.33 28.61 -8.80
C PRO A 60 30.42 30.12 -8.51
N ASP A 61 31.55 30.55 -7.95
CA ASP A 61 31.74 31.96 -7.59
C ASP A 61 33.23 32.31 -7.61
N ARG A 62 33.53 33.59 -7.37
CA ARG A 62 34.93 34.04 -7.33
C ARG A 62 35.27 34.73 -6.02
N ILE A 63 36.30 34.23 -5.35
CA ILE A 63 36.72 34.80 -4.08
C ILE A 63 38.17 35.26 -4.19
N ASP A 64 38.34 36.57 -4.34
CA ASP A 64 39.66 37.15 -4.51
C ASP A 64 40.21 36.83 -5.90
N GLY A 65 39.35 36.98 -6.90
CA GLY A 65 39.74 36.71 -8.29
C GLY A 65 39.93 35.23 -8.56
N ARG A 66 39.84 34.41 -7.51
CA ARG A 66 40.01 32.97 -7.63
C ARG A 66 38.68 32.27 -7.84
N PHE A 67 38.51 31.64 -9.00
CA PHE A 67 37.30 30.90 -9.30
C PHE A 67 37.14 29.78 -8.27
N VAL A 68 36.01 29.78 -7.57
CA VAL A 68 35.73 28.76 -6.57
C VAL A 68 34.61 27.83 -7.02
N ASP A 69 34.96 26.59 -7.31
CA ASP A 69 33.98 25.60 -7.74
C ASP A 69 32.76 25.57 -6.84
N GLY A 70 31.65 25.07 -7.36
CA GLY A 70 30.42 24.99 -6.60
C GLY A 70 30.24 23.60 -5.99
N ARG A 71 29.10 23.39 -5.33
CA ARG A 71 28.80 22.11 -4.71
C ARG A 71 27.60 21.43 -5.38
N ARG A 72 27.82 20.21 -5.87
CA ARG A 72 26.74 19.41 -6.46
C ARG A 72 26.00 18.68 -5.35
N ALA A 73 24.92 17.99 -5.71
CA ALA A 73 24.14 17.30 -4.70
C ALA A 73 24.11 15.79 -4.88
N ASN A 74 23.96 15.09 -3.76
CA ASN A 74 23.82 13.65 -3.77
C ASN A 74 22.32 13.38 -3.92
N LEU A 75 21.94 12.94 -5.11
CA LEU A 75 20.52 12.74 -5.42
C LEU A 75 19.89 11.58 -4.67
N THR A 76 20.69 10.63 -4.22
CA THR A 76 20.15 9.48 -3.49
C THR A 76 19.50 9.91 -2.17
N VAL A 77 19.94 11.04 -1.63
CA VAL A 77 19.38 11.55 -0.38
C VAL A 77 17.88 11.82 -0.54
N PHE A 78 17.48 12.18 -1.75
CA PHE A 78 16.07 12.45 -2.04
C PHE A 78 15.31 11.15 -2.24
N ASP A 79 15.96 10.17 -2.83
CA ASP A 79 15.35 8.86 -3.04
C ASP A 79 15.03 8.21 -1.70
N ASP A 80 15.94 8.38 -0.74
CA ASP A 80 15.76 7.80 0.59
C ASP A 80 14.57 8.44 1.30
N ALA A 81 14.42 9.74 1.12
CA ALA A 81 13.31 10.45 1.74
C ALA A 81 11.98 9.89 1.21
N ARG A 82 11.92 9.70 -0.11
CA ARG A 82 10.71 9.20 -0.75
C ARG A 82 10.33 7.77 -0.33
N VAL A 83 11.32 6.91 -0.16
CA VAL A 83 11.04 5.54 0.26
C VAL A 83 10.57 5.50 1.71
N ALA A 84 11.09 6.40 2.52
CA ALA A 84 10.72 6.50 3.92
C ALA A 84 9.28 7.00 4.06
N VAL A 85 8.90 7.96 3.21
CA VAL A 85 7.54 8.48 3.21
C VAL A 85 6.53 7.40 2.80
N ARG A 86 6.88 6.61 1.79
CA ARG A 86 6.01 5.52 1.35
C ARG A 86 5.96 4.41 2.38
N GLY A 87 7.10 4.12 2.99
CA GLY A 87 7.19 3.10 4.01
C GLY A 87 6.30 3.45 5.19
N HIS A 88 6.48 4.65 5.72
CA HIS A 88 5.68 5.14 6.86
C HIS A 88 4.18 5.06 6.60
N ALA A 89 3.76 5.49 5.41
CA ALA A 89 2.35 5.47 5.04
C ALA A 89 1.80 4.05 5.15
N ARG A 90 2.56 3.08 4.65
CA ARG A 90 2.14 1.68 4.68
C ARG A 90 2.04 1.17 6.11
N ALA A 91 2.97 1.60 6.96
CA ALA A 91 2.98 1.22 8.36
C ALA A 91 1.75 1.80 9.07
N GLN A 92 1.41 3.04 8.73
CA GLN A 92 0.26 3.70 9.33
C GLN A 92 -1.03 2.97 8.96
N ARG A 93 -1.19 2.67 7.67
CA ARG A 93 -2.35 1.95 7.17
C ARG A 93 -2.49 0.58 7.84
N ASN A 94 -1.37 -0.08 8.09
CA ASN A 94 -1.38 -1.39 8.76
C ASN A 94 -1.95 -1.26 10.16
N LEU A 95 -1.42 -0.32 10.92
CA LEU A 95 -1.89 -0.07 12.29
C LEU A 95 -3.36 0.32 12.29
N LEU A 96 -3.70 1.35 11.52
CA LEU A 96 -5.07 1.84 11.44
C LEU A 96 -6.04 0.72 11.15
N GLU A 97 -5.65 -0.16 10.23
CA GLU A 97 -6.48 -1.28 9.82
C GLU A 97 -6.66 -2.35 10.89
N ARG A 98 -5.60 -2.66 11.61
CA ARG A 98 -5.68 -3.66 12.67
C ARG A 98 -6.41 -3.10 13.88
N LEU A 99 -6.29 -1.78 14.07
CA LEU A 99 -6.97 -1.09 15.17
C LEU A 99 -8.46 -1.10 14.89
N GLU A 100 -8.82 -0.85 13.64
CA GLU A 100 -10.21 -0.82 13.23
C GLU A 100 -10.85 -2.21 13.28
N THR A 101 -10.16 -3.19 12.72
CA THR A 101 -10.66 -4.56 12.71
C THR A 101 -10.98 -5.06 14.12
N GLU A 102 -10.13 -4.70 15.09
CA GLU A 102 -10.35 -5.14 16.45
C GLU A 102 -11.33 -4.28 17.24
N LEU A 103 -11.83 -3.24 16.59
CA LEU A 103 -12.84 -2.37 17.20
C LEU A 103 -14.21 -2.62 16.55
N LEU A 104 -14.30 -3.72 15.80
CA LEU A 104 -15.54 -4.08 15.12
C LEU A 104 -15.95 -5.53 15.41
N ASP A 120 -24.14 1.35 17.98
CA ASP A 120 -23.48 2.13 19.03
C ASP A 120 -23.02 3.49 18.49
N PRO A 121 -23.01 4.49 19.35
CA PRO A 121 -22.58 5.83 18.96
C PRO A 121 -21.06 5.88 18.81
N ILE A 122 -20.36 5.60 19.91
CA ILE A 122 -18.90 5.62 19.92
C ILE A 122 -18.30 4.84 18.75
N LEU A 123 -18.91 3.70 18.43
CA LEU A 123 -18.42 2.84 17.36
C LEU A 123 -18.56 3.49 15.98
N GLN A 124 -19.69 4.16 15.77
CA GLN A 124 -19.92 4.83 14.49
C GLN A 124 -19.02 6.04 14.32
N GLY A 125 -18.92 6.86 15.36
CA GLY A 125 -18.08 8.07 15.31
C GLY A 125 -16.62 7.70 15.04
N LEU A 126 -16.13 6.70 15.76
CA LEU A 126 -14.75 6.25 15.61
C LEU A 126 -14.49 5.78 14.17
N VAL A 127 -15.48 5.14 13.57
CA VAL A 127 -15.36 4.64 12.20
C VAL A 127 -15.25 5.79 11.20
N ASP A 128 -16.03 6.84 11.41
CA ASP A 128 -16.00 8.01 10.54
C ASP A 128 -14.66 8.73 10.66
N VAL A 129 -14.03 8.59 11.83
CA VAL A 129 -12.75 9.22 12.09
C VAL A 129 -11.64 8.39 11.46
N ILE A 130 -11.80 7.07 11.53
CA ILE A 130 -10.84 6.15 10.96
C ILE A 130 -10.74 6.39 9.45
N GLY A 131 -11.90 6.59 8.83
CA GLY A 131 -11.97 6.83 7.39
C GLY A 131 -11.26 8.12 7.01
N GLN A 132 -11.45 9.16 7.82
CA GLN A 132 -10.80 10.44 7.58
C GLN A 132 -9.30 10.26 7.70
N GLY A 133 -8.89 9.58 8.77
CA GLY A 133 -7.48 9.33 9.04
C GLY A 133 -6.81 8.65 7.86
N LYS A 134 -7.48 7.70 7.24
CA LYS A 134 -6.93 6.97 6.11
C LYS A 134 -6.74 7.88 4.90
N SER A 135 -7.72 8.74 4.65
CA SER A 135 -7.67 9.67 3.53
C SER A 135 -6.49 10.62 3.64
N ASP A 136 -6.22 11.06 4.88
CA ASP A 136 -5.11 11.98 5.14
C ASP A 136 -3.75 11.28 5.01
N ILE A 137 -3.72 9.99 5.30
CA ILE A 137 -2.49 9.21 5.19
C ILE A 137 -2.08 9.11 3.72
N ASP A 138 -3.03 8.72 2.89
CA ASP A 138 -2.79 8.56 1.46
C ASP A 138 -2.51 9.89 0.79
N ALA A 139 -3.17 10.94 1.26
CA ALA A 139 -3.04 12.26 0.68
C ALA A 139 -1.64 12.85 0.87
N TYR A 140 -1.18 12.90 2.12
CA TYR A 140 0.11 13.48 2.40
C TYR A 140 1.27 12.67 1.84
N ALA A 141 1.18 11.36 1.92
CA ALA A 141 2.21 10.49 1.35
C ALA A 141 2.34 10.83 -0.13
N THR A 142 1.21 10.92 -0.81
CA THR A 142 1.20 11.23 -2.24
C THR A 142 1.78 12.62 -2.52
N ILE A 143 1.30 13.62 -1.79
CA ILE A 143 1.73 14.99 -1.96
C ILE A 143 3.23 15.14 -1.68
N VAL A 144 3.66 14.58 -0.55
CA VAL A 144 5.07 14.66 -0.15
C VAL A 144 6.03 13.95 -1.08
N GLU A 145 5.61 12.83 -1.67
CA GLU A 145 6.47 12.10 -2.60
C GLU A 145 6.67 12.95 -3.87
N GLY A 146 5.59 13.55 -4.35
CA GLY A 146 5.64 14.39 -5.53
C GLY A 146 6.53 15.63 -5.30
N LEU A 147 6.37 16.26 -4.15
CA LEU A 147 7.16 17.44 -3.81
C LEU A 147 8.63 17.09 -3.67
N THR A 148 8.90 15.86 -3.23
CA THR A 148 10.28 15.37 -3.09
C THR A 148 10.93 15.14 -4.47
N LYS A 149 10.14 14.65 -5.42
CA LYS A 149 10.63 14.42 -6.77
C LYS A 149 10.97 15.77 -7.40
N TYR A 150 10.13 16.75 -7.11
CA TYR A 150 10.33 18.11 -7.61
C TYR A 150 11.60 18.70 -7.00
N PHE A 151 11.71 18.57 -5.69
CA PHE A 151 12.87 19.03 -4.93
C PHE A 151 14.15 18.37 -5.47
N GLN A 152 14.04 17.09 -5.79
CA GLN A 152 15.18 16.33 -6.29
C GLN A 152 15.62 16.80 -7.68
N SER A 153 14.65 17.15 -8.50
CA SER A 153 14.92 17.63 -9.86
C SER A 153 15.57 18.99 -9.90
N VAL A 154 15.17 19.88 -8.99
CA VAL A 154 15.76 21.22 -8.92
C VAL A 154 17.22 21.06 -8.48
N ALA A 155 17.43 20.14 -7.55
CA ALA A 155 18.77 19.85 -7.05
C ALA A 155 19.63 19.33 -8.18
N ASP A 156 18.99 18.71 -9.16
CA ASP A 156 19.70 18.15 -10.31
C ASP A 156 20.22 19.23 -11.26
N VAL A 157 19.38 20.21 -11.58
CA VAL A 157 19.81 21.30 -12.46
C VAL A 157 20.83 22.13 -11.73
N MET A 158 20.64 22.26 -10.43
CA MET A 158 21.57 23.01 -9.59
C MET A 158 23.00 22.45 -9.68
N SER A 159 23.11 21.16 -9.91
CA SER A 159 24.42 20.52 -10.00
C SER A 159 24.92 20.45 -11.44
N LYS A 160 24.06 19.99 -12.35
CA LYS A 160 24.44 19.87 -13.75
C LYS A 160 24.78 21.22 -14.36
N LEU A 161 23.96 22.22 -14.06
CA LEU A 161 24.15 23.56 -14.60
C LEU A 161 25.55 24.11 -14.36
N GLN A 162 26.24 23.57 -13.36
CA GLN A 162 27.58 24.03 -13.00
C GLN A 162 28.64 23.72 -14.06
N ASP A 163 28.30 22.83 -15.00
CA ASP A 163 29.21 22.50 -16.08
C ASP A 163 29.22 23.61 -17.12
N TYR A 164 28.24 24.51 -17.05
CA TYR A 164 28.12 25.59 -18.02
C TYR A 164 28.48 26.94 -17.42
N ILE A 165 29.12 26.92 -16.25
CA ILE A 165 29.59 28.14 -15.59
C ILE A 165 31.06 27.96 -15.29
N SER A 166 31.91 28.73 -15.95
CA SER A 166 33.35 28.62 -15.76
C SER A 166 34.05 29.99 -15.73
N ALA A 167 35.30 29.99 -15.28
CA ALA A 167 36.09 31.22 -15.22
C ALA A 167 36.73 31.49 -16.58
N LYS A 168 36.71 32.73 -17.01
CA LYS A 168 37.32 33.08 -18.29
C LYS A 168 38.63 33.87 -18.10
N ASP A 169 38.51 35.16 -17.84
CA ASP A 169 39.68 36.00 -17.66
C ASP A 169 40.27 35.82 -16.28
N ASP A 170 41.04 36.82 -15.85
CA ASP A 170 41.61 36.83 -14.52
C ASP A 170 40.51 37.20 -13.52
N LYS A 171 39.42 37.77 -14.06
CA LYS A 171 38.28 38.16 -13.25
C LYS A 171 37.00 38.33 -14.07
N ASN A 172 36.64 37.28 -14.81
CA ASN A 172 35.44 37.28 -15.64
C ASN A 172 34.77 35.90 -15.58
N MET A 173 33.46 35.87 -15.73
CA MET A 173 32.74 34.60 -15.69
C MET A 173 32.05 34.27 -17.01
N LYS A 174 32.18 33.02 -17.44
CA LYS A 174 31.54 32.57 -18.69
C LYS A 174 30.35 31.69 -18.36
N ILE A 175 29.18 32.07 -18.85
CA ILE A 175 27.96 31.33 -18.57
C ILE A 175 27.17 31.02 -19.84
N ASP A 176 26.90 29.74 -20.06
CA ASP A 176 26.10 29.29 -21.21
C ASP A 176 24.62 29.22 -20.80
N GLY A 177 24.00 30.39 -20.67
CA GLY A 177 22.62 30.50 -20.24
C GLY A 177 21.65 29.66 -21.04
N GLY A 178 21.87 29.59 -22.36
CA GLY A 178 21.00 28.82 -23.25
C GLY A 178 20.90 27.35 -22.86
N LYS A 179 22.05 26.72 -22.61
CA LYS A 179 22.08 25.31 -22.24
C LYS A 179 21.44 25.09 -20.86
N ILE A 180 21.62 26.05 -19.95
CA ILE A 180 21.03 25.97 -18.61
C ILE A 180 19.52 26.19 -18.72
N LYS A 181 19.13 27.17 -19.53
CA LYS A 181 17.72 27.48 -19.75
C LYS A 181 16.97 26.26 -20.24
N ALA A 182 17.61 25.49 -21.13
CA ALA A 182 17.01 24.28 -21.70
C ALA A 182 16.77 23.23 -20.63
N LEU A 183 17.67 23.16 -19.66
CA LEU A 183 17.55 22.19 -18.59
C LEU A 183 16.46 22.57 -17.58
N ILE A 184 16.36 23.87 -17.29
CA ILE A 184 15.33 24.33 -16.38
C ILE A 184 13.97 24.14 -17.02
N GLN A 185 13.89 24.37 -18.32
CA GLN A 185 12.65 24.18 -19.07
C GLN A 185 12.21 22.72 -19.02
N GLN A 186 13.19 21.82 -19.03
CA GLN A 186 12.92 20.39 -18.98
C GLN A 186 12.30 20.02 -17.63
N VAL A 187 12.85 20.56 -16.55
CA VAL A 187 12.33 20.31 -15.22
C VAL A 187 10.89 20.78 -15.12
N ILE A 188 10.60 21.91 -15.77
CA ILE A 188 9.24 22.46 -15.78
C ILE A 188 8.30 21.53 -16.55
N ASP A 189 8.73 21.10 -17.72
CA ASP A 189 7.93 20.23 -18.59
C ASP A 189 7.51 18.92 -17.92
N HIS A 190 8.41 18.35 -17.12
CA HIS A 190 8.17 17.05 -16.50
C HIS A 190 7.77 17.07 -15.02
N LEU A 191 7.32 18.22 -14.54
CA LEU A 191 6.88 18.34 -13.14
C LEU A 191 5.90 17.24 -12.78
N PRO A 192 6.01 16.70 -11.57
CA PRO A 192 5.12 15.63 -11.12
C PRO A 192 3.73 16.17 -10.82
N THR A 193 2.75 15.29 -10.91
CA THR A 193 1.36 15.65 -10.66
C THR A 193 0.78 14.70 -9.60
N MET A 194 0.09 15.24 -8.61
CA MET A 194 -0.44 14.41 -7.53
C MET A 194 -1.96 14.38 -7.44
N GLN A 195 -2.52 13.18 -7.46
CA GLN A 195 -3.96 12.98 -7.39
C GLN A 195 -4.41 12.72 -5.95
N LEU A 196 -5.39 13.49 -5.48
CA LEU A 196 -5.92 13.30 -4.12
C LEU A 196 -6.79 12.06 -4.08
N PRO A 197 -6.99 11.53 -2.88
CA PRO A 197 -7.83 10.35 -2.71
C PRO A 197 -9.27 10.67 -3.10
N LYS A 198 -10.00 9.64 -3.54
CA LYS A 198 -11.39 9.82 -3.93
C LYS A 198 -12.20 10.45 -2.80
N GLY A 199 -13.01 11.44 -3.15
CA GLY A 199 -13.84 12.13 -2.16
C GLY A 199 -12.98 12.83 -1.12
N ALA A 200 -12.39 13.95 -1.51
CA ALA A 200 -11.54 14.73 -0.62
C ALA A 200 -11.93 16.20 -0.73
N ASP A 201 -12.05 16.87 0.42
CA ASP A 201 -12.45 18.28 0.42
C ASP A 201 -11.39 19.12 -0.29
N ILE A 202 -11.56 19.28 -1.59
CA ILE A 202 -10.60 20.05 -2.40
C ILE A 202 -10.40 21.42 -1.79
N ALA A 203 -11.48 21.99 -1.26
CA ALA A 203 -11.44 23.30 -0.64
C ALA A 203 -10.48 23.31 0.54
N ARG A 204 -10.66 22.33 1.44
CA ARG A 204 -9.84 22.25 2.64
C ARG A 204 -8.35 22.04 2.32
N TRP A 205 -8.07 21.20 1.34
CA TRP A 205 -6.69 20.92 0.93
C TRP A 205 -6.02 22.14 0.30
N ARG A 206 -6.83 23.02 -0.31
CA ARG A 206 -6.30 24.23 -0.90
C ARG A 206 -5.76 25.16 0.18
N LYS A 207 -6.53 25.28 1.27
CA LYS A 207 -6.11 26.12 2.38
C LYS A 207 -4.92 25.46 3.08
N GLU A 208 -4.96 24.13 3.14
CA GLU A 208 -3.92 23.34 3.79
C GLU A 208 -2.54 23.44 3.13
N LEU A 209 -2.48 23.08 1.85
CA LEU A 209 -1.22 23.02 1.13
C LEU A 209 -0.50 24.36 0.88
N GLY A 210 -1.26 25.43 0.73
CA GLY A 210 -0.67 26.76 0.55
C GLY A 210 -0.45 27.22 -0.90
N ASP A 211 0.34 28.28 -1.04
CA ASP A 211 0.61 28.93 -2.33
C ASP A 211 1.46 28.15 -3.31
N ALA A 212 2.50 27.48 -2.82
CA ALA A 212 3.43 26.74 -3.67
C ALA A 212 2.75 25.68 -4.54
N VAL A 213 1.48 25.41 -4.25
CA VAL A 213 0.74 24.36 -4.94
C VAL A 213 -0.65 24.83 -5.42
N SER A 214 -1.29 24.02 -6.25
CA SER A 214 -2.63 24.30 -6.78
C SER A 214 -3.44 23.01 -6.86
N ILE A 215 -4.76 23.08 -6.72
CA ILE A 215 -5.61 21.89 -6.81
C ILE A 215 -6.77 22.01 -7.77
N SER A 216 -6.86 21.05 -8.70
CA SER A 216 -7.93 20.99 -9.68
C SER A 216 -9.21 20.52 -9.03
N ASP A 217 -10.34 20.83 -9.66
CA ASP A 217 -11.61 20.38 -9.17
C ASP A 217 -11.67 18.86 -9.29
N SER A 218 -10.72 18.31 -10.04
CA SER A 218 -10.61 16.87 -10.23
C SER A 218 -9.71 16.23 -9.16
N GLY A 219 -9.23 17.04 -8.22
CA GLY A 219 -8.39 16.55 -7.14
C GLY A 219 -6.91 16.40 -7.52
N VAL A 220 -6.51 17.05 -8.61
CA VAL A 220 -5.12 16.99 -9.06
C VAL A 220 -4.31 18.15 -8.52
N VAL A 221 -3.35 17.85 -7.65
CA VAL A 221 -2.49 18.88 -7.10
C VAL A 221 -1.23 19.05 -7.96
N THR A 222 -0.99 20.28 -8.39
CA THR A 222 0.13 20.58 -9.26
C THR A 222 1.14 21.49 -8.56
N ILE A 223 2.38 21.47 -9.04
CA ILE A 223 3.42 22.31 -8.48
C ILE A 223 3.55 23.60 -9.29
N ASN A 224 3.44 24.74 -8.60
CA ASN A 224 3.56 26.04 -9.25
C ASN A 224 4.96 26.20 -9.83
N PRO A 225 5.02 26.50 -11.11
CA PRO A 225 6.31 26.68 -11.81
C PRO A 225 6.83 28.11 -11.67
N ASP A 226 6.14 28.91 -10.88
CA ASP A 226 6.49 30.32 -10.69
C ASP A 226 7.99 30.60 -10.51
N LYS A 227 8.62 29.89 -9.58
CA LYS A 227 10.04 30.10 -9.26
C LYS A 227 10.98 29.56 -10.34
N LEU A 228 10.63 28.40 -10.90
CA LEU A 228 11.43 27.81 -11.96
C LEU A 228 11.40 28.72 -13.18
N ILE A 229 10.29 29.41 -13.36
CA ILE A 229 10.14 30.34 -14.48
C ILE A 229 11.04 31.55 -14.27
N LYS A 230 10.99 32.13 -13.08
CA LYS A 230 11.82 33.27 -12.75
C LYS A 230 13.30 32.91 -12.98
N MET A 231 13.68 31.71 -12.55
CA MET A 231 15.05 31.23 -12.71
C MET A 231 15.42 31.09 -14.18
N ARG A 232 14.52 30.47 -14.94
CA ARG A 232 14.71 30.25 -16.38
C ARG A 232 14.79 31.57 -17.13
N ASP A 233 13.95 32.52 -16.75
CA ASP A 233 13.86 33.82 -17.42
C ASP A 233 15.03 34.75 -17.06
N SER A 234 15.87 34.32 -16.13
CA SER A 234 16.99 35.15 -15.66
C SER A 234 18.28 34.89 -16.45
N LEU A 235 18.36 33.73 -17.08
CA LEU A 235 19.55 33.32 -17.81
C LEU A 235 19.85 34.20 -19.03
N PRO A 236 21.14 34.28 -19.38
CA PRO A 236 21.57 35.02 -20.55
C PRO A 236 21.76 34.01 -21.68
N PRO A 237 22.04 34.51 -22.88
CA PRO A 237 22.24 33.62 -24.01
C PRO A 237 23.55 32.85 -23.83
N ASP A 238 23.73 31.78 -24.60
CA ASP A 238 24.95 30.97 -24.53
C ASP A 238 26.15 31.84 -24.92
N GLY A 239 27.31 31.52 -24.37
CA GLY A 239 28.54 32.23 -24.69
C GLY A 239 28.69 33.56 -23.95
N THR A 240 27.70 33.90 -23.13
CA THR A 240 27.74 35.13 -22.35
C THR A 240 28.92 35.13 -21.38
N VAL A 241 29.61 36.27 -21.28
CA VAL A 241 30.70 36.43 -20.32
C VAL A 241 30.47 37.67 -19.48
N TRP A 242 30.34 37.48 -18.18
CA TRP A 242 30.04 38.56 -17.26
C TRP A 242 31.22 38.85 -16.36
N ASP A 243 31.33 40.11 -15.94
CA ASP A 243 32.37 40.47 -14.98
C ASP A 243 31.89 39.97 -13.63
N THR A 244 32.77 40.02 -12.64
CA THR A 244 32.43 39.55 -11.30
C THR A 244 31.11 40.13 -10.78
N ALA A 245 31.04 41.46 -10.67
CA ALA A 245 29.85 42.14 -10.15
C ALA A 245 28.54 41.72 -10.84
N ARG A 246 28.59 41.63 -12.15
CA ARG A 246 27.40 41.25 -12.93
C ARG A 246 26.95 39.83 -12.60
N TYR A 247 27.90 38.90 -12.59
CA TYR A 247 27.58 37.50 -12.29
C TYR A 247 27.07 37.33 -10.86
N GLN A 248 27.68 38.05 -9.93
CA GLN A 248 27.27 37.97 -8.53
C GLN A 248 25.84 38.46 -8.36
N ALA A 249 25.45 39.43 -9.18
CA ALA A 249 24.11 39.99 -9.13
C ALA A 249 23.12 38.90 -9.51
N TRP A 250 23.42 38.19 -10.59
CA TRP A 250 22.56 37.11 -11.06
C TRP A 250 22.54 35.95 -10.08
N ASN A 251 23.71 35.62 -9.55
CA ASN A 251 23.84 34.54 -8.58
C ASN A 251 22.97 34.81 -7.35
N THR A 252 22.95 36.06 -6.91
CA THR A 252 22.16 36.46 -5.75
C THR A 252 20.67 36.27 -6.01
N ALA A 253 20.21 36.68 -7.19
CA ALA A 253 18.80 36.54 -7.55
C ALA A 253 18.42 35.08 -7.77
N PHE A 254 19.26 34.36 -8.53
CA PHE A 254 19.04 32.95 -8.82
C PHE A 254 19.00 32.13 -7.53
N SER A 255 20.02 32.33 -6.71
CA SER A 255 20.10 31.60 -5.44
C SER A 255 18.94 31.98 -4.54
N GLY A 256 18.43 33.20 -4.74
CA GLY A 256 17.28 33.68 -3.96
C GLY A 256 16.04 32.86 -4.29
N GLN A 257 15.88 32.50 -5.56
CA GLN A 257 14.74 31.71 -5.98
C GLN A 257 14.90 30.27 -5.46
N LYS A 258 16.12 29.76 -5.52
CA LYS A 258 16.42 28.43 -5.04
C LYS A 258 16.05 28.36 -3.56
N ASP A 259 16.39 29.41 -2.83
CA ASP A 259 16.08 29.49 -1.40
C ASP A 259 14.56 29.53 -1.19
N ASN A 260 13.85 30.17 -2.11
CA ASN A 260 12.39 30.25 -2.03
C ASN A 260 11.77 28.88 -2.18
N ILE A 261 12.33 28.07 -3.08
CA ILE A 261 11.86 26.70 -3.32
C ILE A 261 12.07 25.89 -2.04
N GLN A 262 13.20 26.12 -1.38
CA GLN A 262 13.51 25.42 -0.14
C GLN A 262 12.53 25.76 0.98
N ASN A 263 12.07 27.01 1.00
CA ASN A 263 11.11 27.43 2.02
C ASN A 263 9.78 26.76 1.77
N ASP A 264 9.38 26.68 0.50
CA ASP A 264 8.14 26.03 0.13
C ASP A 264 8.14 24.61 0.66
N VAL A 265 9.16 23.83 0.26
CA VAL A 265 9.28 22.45 0.68
C VAL A 265 9.33 22.32 2.20
N GLN A 266 10.16 23.14 2.83
CA GLN A 266 10.30 23.12 4.29
C GLN A 266 8.94 23.25 4.98
N THR A 267 8.17 24.24 4.54
CA THR A 267 6.84 24.49 5.10
C THR A 267 5.96 23.26 4.94
N LEU A 268 5.92 22.71 3.73
CA LEU A 268 5.13 21.53 3.46
C LEU A 268 5.57 20.36 4.31
N VAL A 269 6.88 20.22 4.51
CA VAL A 269 7.42 19.16 5.35
C VAL A 269 6.90 19.31 6.78
N GLU A 270 6.93 20.53 7.30
CA GLU A 270 6.44 20.80 8.65
C GLU A 270 4.97 20.42 8.77
N LYS A 271 4.20 20.68 7.71
CA LYS A 271 2.78 20.33 7.68
C LYS A 271 2.61 18.80 7.65
N TYR A 272 3.50 18.13 6.92
CA TYR A 272 3.46 16.67 6.81
C TYR A 272 3.75 16.07 8.17
N SER A 273 4.79 16.56 8.82
CA SER A 273 5.18 16.06 10.13
C SER A 273 4.10 16.34 11.19
N HIS A 274 3.31 17.38 10.98
CA HIS A 274 2.22 17.69 11.90
C HIS A 274 1.07 16.69 11.69
N GLN A 275 0.97 16.18 10.46
CA GLN A 275 -0.03 15.16 10.17
C GLN A 275 0.38 13.85 10.85
N ASN A 276 1.68 13.55 10.83
CA ASN A 276 2.20 12.34 11.45
C ASN A 276 1.88 12.37 12.94
N SER A 277 1.89 13.56 13.51
CA SER A 277 1.58 13.73 14.93
C SER A 277 0.09 13.50 15.17
N ASN A 278 -0.73 14.03 14.26
CA ASN A 278 -2.17 13.86 14.36
C ASN A 278 -2.54 12.38 14.25
N PHE A 279 -1.77 11.64 13.46
CA PHE A 279 -2.02 10.21 13.31
C PHE A 279 -1.70 9.46 14.61
N ASP A 280 -0.58 9.81 15.23
CA ASP A 280 -0.18 9.17 16.47
C ASP A 280 -1.25 9.38 17.54
N ASN A 281 -1.85 10.57 17.54
CA ASN A 281 -2.90 10.89 18.51
C ASN A 281 -4.16 10.07 18.22
N LEU A 282 -4.54 9.98 16.94
CA LEU A 282 -5.71 9.21 16.54
C LEU A 282 -5.55 7.79 17.05
N VAL A 283 -4.38 7.22 16.78
CA VAL A 283 -4.05 5.87 17.16
C VAL A 283 -4.11 5.69 18.67
N LYS A 284 -3.61 6.67 19.40
CA LYS A 284 -3.63 6.63 20.86
C LYS A 284 -5.04 6.68 21.43
N VAL A 285 -5.88 7.57 20.90
CA VAL A 285 -7.24 7.68 21.39
C VAL A 285 -8.07 6.43 21.12
N LEU A 286 -8.14 6.01 19.86
CA LEU A 286 -8.94 4.83 19.52
C LEU A 286 -8.39 3.55 20.11
N SER A 287 -7.11 3.56 20.46
CA SER A 287 -6.50 2.41 21.10
C SER A 287 -6.97 2.33 22.55
N GLY A 288 -7.23 3.50 23.13
CA GLY A 288 -7.73 3.58 24.50
C GLY A 288 -9.20 3.22 24.51
N ALA A 289 -9.91 3.65 23.47
CA ALA A 289 -11.33 3.33 23.33
C ALA A 289 -11.52 1.83 23.24
N ILE A 290 -10.58 1.17 22.58
CA ILE A 290 -10.62 -0.28 22.44
C ILE A 290 -10.47 -0.95 23.81
N SER A 291 -9.54 -0.43 24.61
CA SER A 291 -9.30 -0.96 25.95
C SER A 291 -10.48 -0.65 26.88
N THR A 292 -11.10 0.50 26.66
CA THR A 292 -12.24 0.92 27.44
C THR A 292 -13.47 0.05 27.13
N LEU A 293 -13.62 -0.31 25.86
CA LEU A 293 -14.73 -1.16 25.44
C LEU A 293 -14.36 -2.63 25.60
N THR A 294 -13.45 -2.91 26.54
CA THR A 294 -13.00 -4.27 26.79
C THR A 294 -12.34 -4.38 28.17
N MET B 28 21.52 -11.80 -0.56
CA MET B 28 20.41 -11.68 0.37
C MET B 28 19.97 -13.05 0.90
N THR B 29 20.16 -13.28 2.19
CA THR B 29 19.78 -14.54 2.83
C THR B 29 18.33 -14.50 3.29
N ASP B 30 17.84 -15.63 3.78
CA ASP B 30 16.46 -15.71 4.27
C ASP B 30 16.24 -14.75 5.44
N ASP B 31 17.28 -14.57 6.25
CA ASP B 31 17.19 -13.67 7.39
C ASP B 31 17.32 -12.21 6.97
N ASP B 32 17.92 -11.99 5.81
CA ASP B 32 18.05 -10.63 5.27
C ASP B 32 16.67 -10.16 4.85
N LEU B 33 15.89 -11.07 4.26
CA LEU B 33 14.53 -10.78 3.82
C LEU B 33 13.68 -10.43 5.04
N ARG B 34 13.82 -11.24 6.09
CA ARG B 34 13.09 -11.02 7.33
C ARG B 34 13.40 -9.63 7.90
N ALA B 35 14.65 -9.19 7.74
CA ALA B 35 15.07 -7.87 8.22
C ALA B 35 14.32 -6.76 7.48
N ALA B 36 14.05 -6.98 6.20
CA ALA B 36 13.34 -6.01 5.37
C ALA B 36 11.82 -6.02 5.59
N GLY B 37 11.37 -6.84 6.53
CA GLY B 37 9.96 -6.93 6.87
C GLY B 37 9.23 -8.02 6.08
N VAL B 38 9.98 -8.89 5.43
CA VAL B 38 9.38 -9.96 4.62
C VAL B 38 9.51 -11.36 5.22
N ASP B 39 8.46 -11.81 5.90
CA ASP B 39 8.42 -13.16 6.47
C ASP B 39 7.16 -13.87 5.98
N ARG B 40 7.27 -14.53 4.83
CA ARG B 40 6.13 -15.22 4.24
C ARG B 40 5.49 -16.25 5.17
N ARG B 41 6.24 -16.69 6.17
CA ARG B 41 5.74 -17.68 7.12
C ARG B 41 4.58 -17.15 7.96
N VAL B 42 4.58 -15.85 8.23
CA VAL B 42 3.53 -15.24 9.03
C VAL B 42 2.16 -15.40 8.37
N PRO B 43 1.94 -14.73 7.25
CA PRO B 43 0.67 -14.81 6.55
C PRO B 43 0.28 -16.27 6.26
N GLU B 44 1.27 -17.10 5.94
CA GLU B 44 1.01 -18.50 5.60
C GLU B 44 0.50 -19.29 6.79
N GLN B 45 1.09 -19.04 7.95
CA GLN B 45 0.67 -19.71 9.16
C GLN B 45 -0.75 -19.28 9.51
N LYS B 46 -1.02 -17.98 9.36
CA LYS B 46 -2.33 -17.43 9.68
C LYS B 46 -3.40 -18.02 8.77
N LEU B 47 -3.10 -18.12 7.48
CA LEU B 47 -4.04 -18.71 6.52
C LEU B 47 -4.30 -20.17 6.90
N GLY B 48 -3.27 -20.85 7.38
CA GLY B 48 -3.41 -22.24 7.82
C GLY B 48 -4.31 -22.34 9.05
N ALA B 49 -4.18 -21.38 9.97
CA ALA B 49 -5.01 -21.36 11.18
C ALA B 49 -6.48 -21.15 10.85
N ALA B 50 -6.73 -20.33 9.83
CA ALA B 50 -8.09 -20.04 9.38
C ALA B 50 -8.67 -21.27 8.69
N ILE B 51 -7.82 -22.01 7.99
CA ILE B 51 -8.25 -23.26 7.35
C ILE B 51 -8.59 -24.31 8.41
N ASP B 52 -7.78 -24.37 9.47
CA ASP B 52 -8.00 -25.31 10.57
C ASP B 52 -9.26 -24.96 11.34
N GLU B 53 -9.54 -23.67 11.46
CA GLU B 53 -10.74 -23.22 12.13
C GLU B 53 -11.95 -23.66 11.32
N PHE B 54 -11.84 -23.55 10.00
CA PHE B 54 -12.90 -23.95 9.09
C PHE B 54 -13.17 -25.45 9.17
N ALA B 55 -12.10 -26.24 9.13
CA ALA B 55 -12.23 -27.70 9.18
C ALA B 55 -12.87 -28.19 10.47
N SER B 56 -12.68 -27.43 11.55
CA SER B 56 -13.23 -27.77 12.88
C SER B 56 -14.75 -27.62 12.96
N LEU B 57 -15.30 -26.73 12.14
CA LEU B 57 -16.75 -26.53 12.09
C LEU B 57 -17.44 -27.89 11.90
N ARG B 58 -18.55 -28.09 12.58
CA ARG B 58 -19.29 -29.34 12.48
C ARG B 58 -20.76 -29.16 12.81
N LEU B 59 -21.62 -29.68 11.94
CA LEU B 59 -23.06 -29.59 12.14
C LEU B 59 -23.51 -30.48 13.30
N PRO B 60 -24.66 -30.17 13.88
CA PRO B 60 -25.21 -30.97 14.96
C PRO B 60 -25.43 -32.40 14.46
N ASP B 61 -25.35 -33.36 15.37
CA ASP B 61 -25.51 -34.75 14.97
C ASP B 61 -25.98 -35.64 16.12
N ARG B 62 -26.16 -36.92 15.81
CA ARG B 62 -26.58 -37.90 16.81
C ARG B 62 -25.83 -39.21 16.61
N ILE B 63 -24.64 -39.29 17.19
CA ILE B 63 -23.85 -40.52 17.13
C ILE B 63 -24.43 -41.42 18.21
N ASP B 64 -25.21 -42.41 17.77
CA ASP B 64 -25.99 -43.27 18.65
C ASP B 64 -27.31 -42.55 18.97
N GLY B 65 -27.67 -42.51 20.24
CA GLY B 65 -28.86 -41.78 20.65
C GLY B 65 -28.43 -40.48 21.28
N ARG B 66 -27.14 -40.17 21.18
CA ARG B 66 -26.56 -38.96 21.77
C ARG B 66 -26.46 -37.81 20.80
N PHE B 67 -27.38 -36.86 20.92
CA PHE B 67 -27.33 -35.69 20.07
C PHE B 67 -26.04 -34.94 20.41
N VAL B 68 -25.16 -34.78 19.43
CA VAL B 68 -23.91 -34.08 19.62
C VAL B 68 -24.05 -32.64 19.14
N ASP B 69 -23.90 -31.68 20.05
CA ASP B 69 -24.01 -30.27 19.70
C ASP B 69 -22.98 -29.90 18.62
N GLY B 70 -23.25 -28.84 17.88
CA GLY B 70 -22.36 -28.42 16.82
C GLY B 70 -21.25 -27.52 17.31
N ARG B 71 -20.21 -27.40 16.49
CA ARG B 71 -19.07 -26.55 16.81
C ARG B 71 -19.11 -25.31 15.90
N ARG B 72 -19.11 -24.14 16.53
CA ARG B 72 -19.12 -22.89 15.79
C ARG B 72 -17.70 -22.45 15.50
N ALA B 73 -17.53 -21.37 14.74
CA ALA B 73 -16.21 -20.91 14.39
C ALA B 73 -15.86 -19.56 14.95
N ASN B 74 -14.58 -19.33 15.19
CA ASN B 74 -14.06 -18.05 15.64
C ASN B 74 -13.76 -17.24 14.38
N LEU B 75 -14.61 -16.27 14.08
CA LEU B 75 -14.48 -15.48 12.87
C LEU B 75 -13.25 -14.58 12.83
N THR B 76 -12.74 -14.22 13.99
CA THR B 76 -11.57 -13.35 14.06
C THR B 76 -10.32 -14.02 13.46
N VAL B 77 -10.31 -15.35 13.47
CA VAL B 77 -9.21 -16.09 12.89
C VAL B 77 -9.06 -15.73 11.41
N PHE B 78 -10.19 -15.46 10.76
CA PHE B 78 -10.19 -15.10 9.35
C PHE B 78 -9.76 -13.66 9.13
N ASP B 79 -10.10 -12.79 10.09
CA ASP B 79 -9.72 -11.38 10.03
C ASP B 79 -8.20 -11.24 10.15
N ASP B 80 -7.60 -12.09 10.98
CA ASP B 80 -6.16 -12.05 11.18
C ASP B 80 -5.43 -12.48 9.92
N ALA B 81 -5.97 -13.49 9.24
CA ALA B 81 -5.38 -13.99 8.01
C ALA B 81 -5.37 -12.88 6.96
N ARG B 82 -6.48 -12.14 6.89
CA ARG B 82 -6.61 -11.05 5.91
C ARG B 82 -5.67 -9.88 6.18
N VAL B 83 -5.49 -9.53 7.45
CA VAL B 83 -4.59 -8.44 7.80
C VAL B 83 -3.13 -8.83 7.53
N ALA B 84 -2.82 -10.11 7.73
CA ALA B 84 -1.47 -10.61 7.48
C ALA B 84 -1.14 -10.60 5.99
N VAL B 85 -2.11 -10.96 5.15
CA VAL B 85 -1.91 -10.95 3.71
C VAL B 85 -1.67 -9.52 3.19
N ARG B 86 -2.42 -8.56 3.71
CA ARG B 86 -2.26 -7.15 3.33
C ARG B 86 -0.92 -6.60 3.83
N GLY B 87 -0.59 -6.93 5.07
CA GLY B 87 0.67 -6.50 5.66
C GLY B 87 1.84 -7.00 4.84
N HIS B 88 1.86 -8.30 4.58
CA HIS B 88 2.93 -8.93 3.81
C HIS B 88 3.11 -8.27 2.44
N ALA B 89 2.00 -7.99 1.76
CA ALA B 89 2.06 -7.37 0.45
C ALA B 89 2.75 -6.02 0.55
N ARG B 90 2.38 -5.25 1.55
CA ARG B 90 2.96 -3.94 1.76
C ARG B 90 4.46 -4.04 1.98
N ALA B 91 4.86 -5.03 2.77
CA ALA B 91 6.27 -5.24 3.08
C ALA B 91 7.03 -5.62 1.82
N GLN B 92 6.42 -6.44 0.98
CA GLN B 92 7.04 -6.87 -0.26
C GLN B 92 7.24 -5.68 -1.19
N ARG B 93 6.21 -4.85 -1.34
CA ARG B 93 6.30 -3.67 -2.17
C ARG B 93 7.40 -2.74 -1.66
N ASN B 94 7.54 -2.64 -0.35
CA ASN B 94 8.57 -1.80 0.26
C ASN B 94 9.95 -2.27 -0.19
N LEU B 95 10.21 -3.55 0.01
CA LEU B 95 11.48 -4.15 -0.38
C LEU B 95 11.73 -3.95 -1.87
N LEU B 96 10.79 -4.43 -2.68
CA LEU B 96 10.90 -4.34 -4.13
C LEU B 96 11.25 -2.94 -4.60
N GLU B 97 10.63 -1.94 -3.98
CA GLU B 97 10.84 -0.55 -4.37
C GLU B 97 12.21 0.01 -3.96
N ARG B 98 12.69 -0.41 -2.79
CA ARG B 98 13.99 0.03 -2.32
C ARG B 98 15.10 -0.70 -3.06
N LEU B 99 14.80 -1.92 -3.51
CA LEU B 99 15.75 -2.71 -4.28
C LEU B 99 15.89 -2.09 -5.68
N GLU B 100 14.77 -1.65 -6.23
CA GLU B 100 14.75 -1.06 -7.56
C GLU B 100 15.38 0.34 -7.54
N THR B 101 15.15 1.07 -6.47
CA THR B 101 15.71 2.41 -6.34
C THR B 101 17.22 2.31 -6.12
N GLU B 102 17.66 1.16 -5.63
CA GLU B 102 19.08 0.91 -5.38
C GLU B 102 19.74 0.29 -6.60
N LEU B 103 18.98 0.16 -7.67
CA LEU B 103 19.49 -0.45 -8.89
C LEU B 103 19.33 0.49 -10.09
N LEU B 104 19.03 1.75 -9.80
CA LEU B 104 18.86 2.75 -10.86
C LEU B 104 19.68 4.01 -10.59
N ASP B 120 21.89 -0.15 -20.53
CA ASP B 120 22.41 -1.46 -20.13
C ASP B 120 21.35 -2.55 -20.32
N PRO B 121 21.81 -3.77 -20.62
CA PRO B 121 20.91 -4.90 -20.81
C PRO B 121 20.37 -5.38 -19.47
N ILE B 122 21.27 -5.83 -18.60
CA ILE B 122 20.91 -6.35 -17.29
C ILE B 122 19.96 -5.41 -16.56
N LEU B 123 20.19 -4.11 -16.69
CA LEU B 123 19.38 -3.12 -16.01
C LEU B 123 17.95 -3.07 -16.54
N GLN B 124 17.81 -3.17 -17.86
CA GLN B 124 16.49 -3.17 -18.48
C GLN B 124 15.72 -4.45 -18.15
N GLY B 125 16.37 -5.59 -18.35
CA GLY B 125 15.74 -6.87 -18.05
C GLY B 125 15.24 -6.90 -16.60
N LEU B 126 16.10 -6.51 -15.67
CA LEU B 126 15.77 -6.50 -14.26
C LEU B 126 14.55 -5.62 -13.96
N VAL B 127 14.45 -4.52 -14.70
CA VAL B 127 13.34 -3.60 -14.52
C VAL B 127 12.02 -4.22 -14.98
N ASP B 128 12.07 -4.94 -16.10
CA ASP B 128 10.88 -5.60 -16.64
C ASP B 128 10.42 -6.72 -15.72
N VAL B 129 11.36 -7.27 -14.95
CA VAL B 129 11.05 -8.34 -14.02
C VAL B 129 10.49 -7.76 -12.73
N ILE B 130 11.00 -6.59 -12.34
CA ILE B 130 10.52 -5.91 -11.15
C ILE B 130 9.06 -5.54 -11.34
N GLY B 131 8.74 -5.08 -12.55
CA GLY B 131 7.37 -4.68 -12.88
C GLY B 131 6.41 -5.86 -12.78
N GLN B 132 6.86 -7.02 -13.27
CA GLN B 132 6.04 -8.23 -13.24
C GLN B 132 5.82 -8.64 -11.79
N GLY B 133 6.90 -8.59 -11.01
CA GLY B 133 6.85 -8.98 -9.61
C GLY B 133 5.83 -8.14 -8.83
N LYS B 134 5.80 -6.84 -9.11
CA LYS B 134 4.85 -5.97 -8.44
C LYS B 134 3.41 -6.33 -8.78
N SER B 135 3.17 -6.64 -10.05
CA SER B 135 1.83 -7.00 -10.52
C SER B 135 1.32 -8.27 -9.83
N ASP B 136 2.23 -9.22 -9.62
CA ASP B 136 1.88 -10.47 -8.97
C ASP B 136 1.62 -10.28 -7.48
N ILE B 137 2.35 -9.34 -6.87
CA ILE B 137 2.17 -9.03 -5.45
C ILE B 137 0.75 -8.51 -5.22
N ASP B 138 0.37 -7.52 -6.03
CA ASP B 138 -0.93 -6.88 -5.91
C ASP B 138 -2.07 -7.84 -6.27
N ALA B 139 -1.82 -8.71 -7.24
CA ALA B 139 -2.81 -9.66 -7.70
C ALA B 139 -3.16 -10.69 -6.64
N TYR B 140 -2.15 -11.36 -6.09
CA TYR B 140 -2.41 -12.39 -5.11
C TYR B 140 -2.96 -11.85 -3.80
N ALA B 141 -2.44 -10.72 -3.35
CA ALA B 141 -2.92 -10.11 -2.13
C ALA B 141 -4.41 -9.84 -2.27
N THR B 142 -4.80 -9.27 -3.41
CA THR B 142 -6.20 -8.97 -3.71
C THR B 142 -7.08 -10.23 -3.78
N ILE B 143 -6.63 -11.20 -4.56
CA ILE B 143 -7.36 -12.46 -4.72
C ILE B 143 -7.50 -13.18 -3.39
N VAL B 144 -6.40 -13.32 -2.67
CA VAL B 144 -6.39 -14.03 -1.39
C VAL B 144 -7.25 -13.38 -0.29
N GLU B 145 -7.35 -12.05 -0.31
CA GLU B 145 -8.17 -11.35 0.67
C GLU B 145 -9.63 -11.64 0.40
N GLY B 146 -10.02 -11.56 -0.88
CA GLY B 146 -11.39 -11.83 -1.29
C GLY B 146 -11.74 -13.28 -0.98
N LEU B 147 -10.78 -14.18 -1.23
CA LEU B 147 -10.97 -15.60 -0.97
C LEU B 147 -11.21 -15.83 0.51
N THR B 148 -10.57 -15.02 1.34
CA THR B 148 -10.70 -15.15 2.79
C THR B 148 -12.03 -14.59 3.31
N LYS B 149 -12.56 -13.59 2.63
CA LYS B 149 -13.85 -13.01 3.01
C LYS B 149 -14.95 -14.00 2.66
N TYR B 150 -14.76 -14.73 1.58
CA TYR B 150 -15.70 -15.77 1.15
C TYR B 150 -15.64 -16.90 2.17
N PHE B 151 -14.41 -17.36 2.45
CA PHE B 151 -14.17 -18.40 3.45
C PHE B 151 -14.85 -18.03 4.75
N GLN B 152 -14.61 -16.80 5.20
CA GLN B 152 -15.16 -16.32 6.47
C GLN B 152 -16.69 -16.39 6.47
N SER B 153 -17.28 -15.87 5.40
CA SER B 153 -18.74 -15.87 5.24
C SER B 153 -19.31 -17.27 5.40
N VAL B 154 -18.78 -18.22 4.64
CA VAL B 154 -19.25 -19.60 4.68
C VAL B 154 -19.12 -20.17 6.09
N ALA B 155 -18.05 -19.80 6.78
CA ALA B 155 -17.83 -20.27 8.14
C ALA B 155 -18.87 -19.67 9.08
N ASP B 156 -19.32 -18.46 8.76
CA ASP B 156 -20.34 -17.77 9.54
C ASP B 156 -21.72 -18.43 9.41
N VAL B 157 -22.09 -18.80 8.19
CA VAL B 157 -23.38 -19.45 7.96
C VAL B 157 -23.38 -20.85 8.57
N MET B 158 -22.24 -21.52 8.51
CA MET B 158 -22.12 -22.86 9.08
C MET B 158 -22.29 -22.83 10.59
N SER B 159 -22.02 -21.67 11.18
CA SER B 159 -22.16 -21.48 12.62
C SER B 159 -23.56 -21.01 12.97
N LYS B 160 -24.06 -20.04 12.20
CA LYS B 160 -25.40 -19.47 12.41
C LYS B 160 -26.48 -20.54 12.22
N LEU B 161 -26.36 -21.28 11.13
CA LEU B 161 -27.32 -22.29 10.74
C LEU B 161 -27.62 -23.33 11.82
N GLN B 162 -26.70 -23.49 12.77
CA GLN B 162 -26.86 -24.47 13.82
C GLN B 162 -27.99 -24.16 14.80
N ASP B 163 -28.47 -22.93 14.77
CA ASP B 163 -29.58 -22.52 15.64
C ASP B 163 -30.89 -23.04 15.06
N TYR B 164 -30.83 -23.60 13.86
CA TYR B 164 -32.01 -24.09 13.16
C TYR B 164 -32.06 -25.60 13.05
N ILE B 165 -31.11 -26.25 13.69
CA ILE B 165 -31.05 -27.70 13.72
C ILE B 165 -31.06 -28.14 15.17
N SER B 166 -32.12 -28.82 15.58
CA SER B 166 -32.26 -29.26 16.95
C SER B 166 -32.81 -30.68 17.04
N ALA B 167 -32.76 -31.24 18.24
CA ALA B 167 -33.27 -32.58 18.46
C ALA B 167 -34.76 -32.55 18.71
N LYS B 168 -35.47 -33.45 18.06
CA LYS B 168 -36.91 -33.56 18.22
C LYS B 168 -37.17 -34.46 19.43
N ASP B 169 -36.61 -35.67 19.38
CA ASP B 169 -36.75 -36.60 20.49
C ASP B 169 -35.51 -37.47 20.65
N ASP B 170 -35.69 -38.78 20.50
CA ASP B 170 -34.58 -39.71 20.69
C ASP B 170 -33.97 -40.21 19.39
N LYS B 171 -34.70 -40.05 18.29
CA LYS B 171 -34.23 -40.54 17.00
C LYS B 171 -34.63 -39.64 15.83
N ASN B 172 -35.02 -38.40 16.14
CA ASN B 172 -35.44 -37.47 15.09
C ASN B 172 -34.77 -36.12 15.20
N MET B 173 -34.66 -35.44 14.07
CA MET B 173 -34.03 -34.15 13.99
C MET B 173 -34.97 -33.13 13.35
N LYS B 174 -35.01 -31.93 13.91
CA LYS B 174 -35.83 -30.85 13.38
C LYS B 174 -34.93 -29.85 12.68
N ILE B 175 -35.21 -29.58 11.41
CA ILE B 175 -34.40 -28.64 10.64
C ILE B 175 -35.25 -27.62 9.91
N ASP B 176 -34.97 -26.34 10.16
CA ASP B 176 -35.68 -25.24 9.52
C ASP B 176 -34.90 -24.84 8.27
N GLY B 177 -35.00 -25.67 7.22
CA GLY B 177 -34.29 -25.46 5.97
C GLY B 177 -34.52 -24.11 5.30
N GLY B 178 -35.73 -23.57 5.43
CA GLY B 178 -36.06 -22.28 4.84
C GLY B 178 -35.22 -21.14 5.41
N LYS B 179 -35.07 -21.12 6.74
CA LYS B 179 -34.27 -20.08 7.40
C LYS B 179 -32.79 -20.23 7.06
N ILE B 180 -32.35 -21.48 6.89
CA ILE B 180 -30.97 -21.76 6.52
C ILE B 180 -30.76 -21.37 5.06
N LYS B 181 -31.74 -21.72 4.22
CA LYS B 181 -31.69 -21.42 2.79
C LYS B 181 -31.53 -19.92 2.58
N ALA B 182 -32.27 -19.13 3.36
CA ALA B 182 -32.24 -17.69 3.26
C ALA B 182 -30.85 -17.13 3.57
N LEU B 183 -30.16 -17.75 4.52
CA LEU B 183 -28.84 -17.30 4.91
C LEU B 183 -27.78 -17.66 3.87
N ILE B 184 -27.88 -18.86 3.30
CA ILE B 184 -26.93 -19.29 2.28
C ILE B 184 -27.09 -18.40 1.06
N GLN B 185 -28.33 -18.06 0.74
CA GLN B 185 -28.63 -17.18 -0.40
C GLN B 185 -28.02 -15.80 -0.19
N GLN B 186 -27.98 -15.36 1.07
CA GLN B 186 -27.43 -14.07 1.39
C GLN B 186 -25.93 -14.07 1.12
N VAL B 187 -25.26 -15.14 1.53
CA VAL B 187 -23.82 -15.29 1.29
C VAL B 187 -23.53 -15.25 -0.21
N ILE B 188 -24.41 -15.87 -1.00
CA ILE B 188 -24.26 -15.90 -2.44
C ILE B 188 -24.42 -14.49 -3.02
N ASP B 189 -25.43 -13.78 -2.54
CA ASP B 189 -25.73 -12.45 -3.03
C ASP B 189 -24.59 -11.46 -2.79
N HIS B 190 -23.91 -11.62 -1.67
CA HIS B 190 -22.86 -10.68 -1.27
C HIS B 190 -21.43 -11.15 -1.50
N LEU B 191 -21.24 -12.15 -2.37
CA LEU B 191 -19.89 -12.64 -2.68
C LEU B 191 -18.97 -11.50 -3.11
N PRO B 192 -17.71 -11.56 -2.67
CA PRO B 192 -16.75 -10.51 -3.02
C PRO B 192 -16.22 -10.65 -4.44
N THR B 193 -15.93 -9.52 -5.05
CA THR B 193 -15.39 -9.48 -6.40
C THR B 193 -13.98 -8.92 -6.31
N MET B 194 -13.06 -9.46 -7.12
CA MET B 194 -11.67 -9.01 -7.08
C MET B 194 -11.17 -8.45 -8.41
N GLN B 195 -10.60 -7.25 -8.35
CA GLN B 195 -10.08 -6.57 -9.55
C GLN B 195 -8.58 -6.79 -9.73
N LEU B 196 -8.18 -7.29 -10.91
CA LEU B 196 -6.77 -7.51 -11.19
C LEU B 196 -6.06 -6.19 -11.47
N PRO B 197 -4.75 -6.17 -11.27
CA PRO B 197 -3.96 -4.97 -11.53
C PRO B 197 -4.03 -4.61 -13.02
N LYS B 198 -3.97 -3.31 -13.31
CA LYS B 198 -4.05 -2.83 -14.68
C LYS B 198 -2.99 -3.51 -15.56
N GLY B 199 -3.40 -3.96 -16.74
CA GLY B 199 -2.49 -4.60 -17.68
C GLY B 199 -2.09 -6.01 -17.29
N ALA B 200 -2.95 -6.70 -16.55
CA ALA B 200 -2.68 -8.08 -16.14
C ALA B 200 -3.13 -9.07 -17.23
N ASP B 201 -2.34 -10.13 -17.42
CA ASP B 201 -2.68 -11.16 -18.42
C ASP B 201 -3.82 -12.03 -17.92
N ILE B 202 -5.03 -11.74 -18.40
CA ILE B 202 -6.22 -12.48 -17.97
C ILE B 202 -6.20 -13.97 -18.29
N ALA B 203 -5.81 -14.32 -19.51
CA ALA B 203 -5.75 -15.74 -19.91
C ALA B 203 -4.81 -16.54 -19.02
N ARG B 204 -3.72 -15.92 -18.58
CA ARG B 204 -2.72 -16.58 -17.74
C ARG B 204 -3.22 -16.75 -16.30
N TRP B 205 -3.90 -15.74 -15.80
CA TRP B 205 -4.45 -15.80 -14.45
C TRP B 205 -5.59 -16.81 -14.41
N ARG B 206 -6.25 -17.00 -15.54
CA ARG B 206 -7.35 -17.95 -15.66
C ARG B 206 -6.86 -19.38 -15.44
N LYS B 207 -5.76 -19.72 -16.10
CA LYS B 207 -5.20 -21.05 -15.98
C LYS B 207 -4.53 -21.25 -14.61
N GLU B 208 -4.08 -20.14 -14.01
CA GLU B 208 -3.42 -20.19 -12.71
C GLU B 208 -4.36 -20.35 -11.51
N LEU B 209 -5.43 -19.58 -11.48
CA LEU B 209 -6.37 -19.61 -10.35
C LEU B 209 -7.20 -20.89 -10.24
N GLY B 210 -7.52 -21.49 -11.38
CA GLY B 210 -8.24 -22.75 -11.38
C GLY B 210 -9.76 -22.63 -11.55
N ASP B 211 -10.43 -23.75 -11.27
CA ASP B 211 -11.87 -23.88 -11.43
C ASP B 211 -12.74 -23.09 -10.44
N ALA B 212 -12.32 -23.07 -9.18
CA ALA B 212 -13.10 -22.42 -8.13
C ALA B 212 -13.35 -20.94 -8.39
N VAL B 213 -12.73 -20.41 -9.43
CA VAL B 213 -12.84 -18.99 -9.75
C VAL B 213 -13.07 -18.72 -11.24
N SER B 214 -13.40 -17.48 -11.58
CA SER B 214 -13.63 -17.07 -12.97
C SER B 214 -13.09 -15.64 -13.18
N ILE B 215 -12.64 -15.34 -14.40
CA ILE B 215 -12.11 -14.00 -14.68
C ILE B 215 -12.73 -13.33 -15.90
N SER B 216 -13.24 -12.11 -15.70
CA SER B 216 -13.85 -11.32 -16.76
C SER B 216 -12.77 -10.76 -17.67
N ASP B 217 -13.16 -10.42 -18.90
CA ASP B 217 -12.24 -9.79 -19.81
C ASP B 217 -11.86 -8.43 -19.23
N SER B 218 -12.60 -7.99 -18.22
CA SER B 218 -12.33 -6.73 -17.54
C SER B 218 -11.38 -6.91 -16.36
N GLY B 219 -10.89 -8.14 -16.18
CA GLY B 219 -9.95 -8.43 -15.09
C GLY B 219 -10.62 -8.61 -13.74
N VAL B 220 -11.93 -8.89 -13.76
CA VAL B 220 -12.66 -9.11 -12.52
C VAL B 220 -12.78 -10.59 -12.22
N VAL B 221 -12.14 -11.02 -11.13
CA VAL B 221 -12.20 -12.40 -10.71
C VAL B 221 -13.36 -12.62 -9.74
N THR B 222 -14.24 -13.55 -10.07
CA THR B 222 -15.40 -13.84 -9.25
C THR B 222 -15.31 -15.23 -8.65
N ILE B 223 -16.04 -15.43 -7.55
CA ILE B 223 -16.07 -16.71 -6.86
C ILE B 223 -17.25 -17.56 -7.36
N ASN B 224 -16.96 -18.75 -7.86
CA ASN B 224 -18.01 -19.66 -8.34
C ASN B 224 -18.94 -20.01 -7.20
N PRO B 225 -20.24 -19.83 -7.42
CA PRO B 225 -21.23 -20.12 -6.39
C PRO B 225 -21.71 -21.56 -6.46
N ASP B 226 -21.10 -22.33 -7.36
CA ASP B 226 -21.50 -23.72 -7.59
C ASP B 226 -21.78 -24.53 -6.34
N LYS B 227 -20.86 -24.51 -5.38
CA LYS B 227 -21.00 -25.30 -4.16
C LYS B 227 -22.04 -24.72 -3.21
N LEU B 228 -22.07 -23.40 -3.10
CA LEU B 228 -23.03 -22.72 -2.24
C LEU B 228 -24.45 -23.02 -2.74
N ILE B 229 -24.60 -23.16 -4.05
CA ILE B 229 -25.88 -23.46 -4.66
C ILE B 229 -26.32 -24.90 -4.33
N LYS B 230 -25.39 -25.85 -4.48
CA LYS B 230 -25.67 -27.23 -4.16
C LYS B 230 -26.13 -27.32 -2.72
N MET B 231 -25.45 -26.57 -1.85
CA MET B 231 -25.79 -26.54 -0.42
C MET B 231 -27.18 -25.97 -0.21
N ARG B 232 -27.44 -24.82 -0.81
CA ARG B 232 -28.72 -24.14 -0.71
C ARG B 232 -29.86 -24.99 -1.27
N ASP B 233 -29.61 -25.66 -2.39
CA ASP B 233 -30.62 -26.48 -3.06
C ASP B 233 -30.88 -27.80 -2.35
N SER B 234 -30.11 -28.10 -1.31
CA SER B 234 -30.26 -29.37 -0.58
C SER B 234 -31.21 -29.26 0.60
N LEU B 235 -31.41 -28.04 1.08
CA LEU B 235 -32.24 -27.81 2.26
C LEU B 235 -33.70 -28.20 2.05
N PRO B 236 -34.37 -28.49 3.16
CA PRO B 236 -35.81 -28.81 3.11
C PRO B 236 -36.55 -27.56 3.56
N PRO B 237 -37.88 -27.62 3.53
CA PRO B 237 -38.68 -26.48 3.97
C PRO B 237 -38.57 -26.34 5.48
N ASP B 238 -38.95 -25.18 6.00
CA ASP B 238 -38.93 -24.95 7.44
C ASP B 238 -39.86 -25.94 8.14
N GLY B 239 -39.54 -26.27 9.39
CA GLY B 239 -40.38 -27.16 10.19
C GLY B 239 -40.22 -28.63 9.85
N THR B 240 -39.32 -28.94 8.92
CA THR B 240 -39.07 -30.31 8.53
C THR B 240 -38.49 -31.09 9.71
N VAL B 241 -38.92 -32.33 9.88
CA VAL B 241 -38.35 -33.19 10.91
C VAL B 241 -37.96 -34.53 10.29
N TRP B 242 -36.67 -34.84 10.36
CA TRP B 242 -36.14 -36.04 9.72
C TRP B 242 -35.72 -37.06 10.74
N ASP B 243 -35.72 -38.31 10.34
CA ASP B 243 -35.23 -39.39 11.17
C ASP B 243 -33.71 -39.35 11.09
N THR B 244 -33.05 -39.97 12.06
CA THR B 244 -31.60 -40.01 12.11
C THR B 244 -30.96 -40.31 10.75
N ALA B 245 -31.29 -41.47 10.19
CA ALA B 245 -30.73 -41.88 8.90
C ALA B 245 -30.89 -40.80 7.81
N ARG B 246 -32.07 -40.23 7.72
CA ARG B 246 -32.35 -39.20 6.71
C ARG B 246 -31.48 -37.95 6.92
N TYR B 247 -31.40 -37.49 8.17
CA TYR B 247 -30.58 -36.32 8.50
C TYR B 247 -29.09 -36.56 8.22
N GLN B 248 -28.62 -37.77 8.54
CA GLN B 248 -27.22 -38.09 8.35
C GLN B 248 -26.87 -38.13 6.86
N ALA B 249 -27.85 -38.47 6.04
CA ALA B 249 -27.65 -38.51 4.60
C ALA B 249 -27.45 -37.09 4.07
N TRP B 250 -28.26 -36.16 4.57
CA TRP B 250 -28.14 -34.77 4.18
C TRP B 250 -26.84 -34.16 4.72
N ASN B 251 -26.56 -34.44 5.99
CA ASN B 251 -25.34 -33.93 6.64
C ASN B 251 -24.10 -34.37 5.85
N THR B 252 -24.09 -35.62 5.43
CA THR B 252 -22.97 -36.17 4.67
C THR B 252 -22.75 -35.41 3.38
N ALA B 253 -23.83 -35.12 2.66
CA ALA B 253 -23.74 -34.39 1.41
C ALA B 253 -23.37 -32.92 1.66
N PHE B 254 -24.10 -32.28 2.58
CA PHE B 254 -23.86 -30.88 2.94
C PHE B 254 -22.41 -30.68 3.38
N SER B 255 -21.97 -31.52 4.31
CA SER B 255 -20.60 -31.44 4.81
C SER B 255 -19.60 -31.75 3.70
N GLY B 256 -20.04 -32.53 2.72
CA GLY B 256 -19.21 -32.85 1.57
C GLY B 256 -18.91 -31.60 0.75
N GLN B 257 -19.91 -30.73 0.63
CA GLN B 257 -19.74 -29.49 -0.13
C GLN B 257 -18.87 -28.53 0.66
N LYS B 258 -19.09 -28.49 1.98
CA LYS B 258 -18.28 -27.65 2.85
C LYS B 258 -16.82 -28.06 2.71
N ASP B 259 -16.59 -29.36 2.62
CA ASP B 259 -15.24 -29.90 2.47
C ASP B 259 -14.65 -29.52 1.13
N ASN B 260 -15.51 -29.46 0.12
CA ASN B 260 -15.07 -29.09 -1.22
C ASN B 260 -14.62 -27.65 -1.25
N ILE B 261 -15.32 -26.79 -0.51
CA ILE B 261 -14.98 -25.38 -0.42
C ILE B 261 -13.60 -25.24 0.22
N GLN B 262 -13.35 -26.05 1.24
CA GLN B 262 -12.06 -26.05 1.93
C GLN B 262 -10.90 -26.46 1.01
N ASN B 263 -11.17 -27.38 0.09
CA ASN B 263 -10.13 -27.83 -0.85
C ASN B 263 -9.80 -26.72 -1.83
N ASP B 264 -10.84 -26.01 -2.27
CA ASP B 264 -10.67 -24.90 -3.19
C ASP B 264 -9.73 -23.87 -2.55
N VAL B 265 -10.07 -23.44 -1.34
CA VAL B 265 -9.28 -22.46 -0.63
C VAL B 265 -7.87 -22.97 -0.36
N GLN B 266 -7.77 -24.19 0.15
CA GLN B 266 -6.49 -24.80 0.44
C GLN B 266 -5.56 -24.77 -0.78
N THR B 267 -6.10 -25.14 -1.95
CA THR B 267 -5.32 -25.15 -3.18
C THR B 267 -4.82 -23.74 -3.51
N LEU B 268 -5.72 -22.77 -3.41
CA LEU B 268 -5.40 -21.38 -3.69
C LEU B 268 -4.36 -20.85 -2.72
N VAL B 269 -4.46 -21.30 -1.47
CA VAL B 269 -3.50 -20.88 -0.45
C VAL B 269 -2.11 -21.40 -0.80
N GLU B 270 -2.04 -22.65 -1.24
CA GLU B 270 -0.79 -23.26 -1.65
C GLU B 270 -0.17 -22.51 -2.83
N LYS B 271 -1.03 -22.01 -3.72
CA LYS B 271 -0.57 -21.25 -4.89
C LYS B 271 -0.05 -19.88 -4.46
N TYR B 272 -0.71 -19.30 -3.46
CA TYR B 272 -0.32 -18.00 -2.93
C TYR B 272 1.02 -18.12 -2.24
N SER B 273 1.18 -19.15 -1.43
CA SER B 273 2.43 -19.37 -0.72
C SER B 273 3.58 -19.67 -1.69
N HIS B 274 3.26 -20.22 -2.85
CA HIS B 274 4.27 -20.48 -3.89
C HIS B 274 4.72 -19.16 -4.50
N GLN B 275 3.78 -18.21 -4.57
CA GLN B 275 4.08 -16.89 -5.08
C GLN B 275 5.03 -16.17 -4.12
N ASN B 276 4.80 -16.38 -2.82
CA ASN B 276 5.64 -15.78 -1.79
C ASN B 276 7.06 -16.30 -1.90
N SER B 277 7.19 -17.55 -2.33
CA SER B 277 8.50 -18.16 -2.50
C SER B 277 9.18 -17.58 -3.73
N ASN B 278 8.41 -17.38 -4.79
CA ASN B 278 8.95 -16.79 -6.01
C ASN B 278 9.44 -15.37 -5.75
N PHE B 279 8.72 -14.65 -4.89
CA PHE B 279 9.12 -13.29 -4.55
C PHE B 279 10.46 -13.27 -3.83
N ASP B 280 10.64 -14.18 -2.88
CA ASP B 280 11.89 -14.26 -2.13
C ASP B 280 13.06 -14.53 -3.08
N ASN B 281 12.81 -15.33 -4.11
CA ASN B 281 13.84 -15.64 -5.09
C ASN B 281 14.16 -14.43 -5.95
N LEU B 282 13.12 -13.72 -6.38
CA LEU B 282 13.30 -12.51 -7.18
C LEU B 282 14.20 -11.56 -6.40
N VAL B 283 13.83 -11.31 -5.15
CA VAL B 283 14.56 -10.44 -4.26
C VAL B 283 16.01 -10.86 -4.10
N LYS B 284 16.24 -12.16 -3.97
CA LYS B 284 17.58 -12.69 -3.78
C LYS B 284 18.45 -12.47 -5.03
N VAL B 285 17.90 -12.79 -6.19
CA VAL B 285 18.65 -12.61 -7.43
C VAL B 285 19.00 -11.16 -7.73
N LEU B 286 18.01 -10.27 -7.71
CA LEU B 286 18.27 -8.85 -7.99
C LEU B 286 19.11 -8.16 -6.92
N SER B 287 19.09 -8.72 -5.71
CA SER B 287 19.89 -8.19 -4.61
C SER B 287 21.36 -8.55 -4.86
N GLY B 288 21.58 -9.70 -5.49
CA GLY B 288 22.94 -10.14 -5.82
C GLY B 288 23.43 -9.36 -7.04
N ALA B 289 22.52 -9.09 -7.97
CA ALA B 289 22.86 -8.32 -9.16
C ALA B 289 23.29 -6.92 -8.74
N ILE B 290 22.70 -6.42 -7.66
CA ILE B 290 23.02 -5.11 -7.13
C ILE B 290 24.44 -5.12 -6.57
N SER B 291 24.76 -6.18 -5.84
CA SER B 291 26.08 -6.34 -5.27
C SER B 291 27.12 -6.54 -6.37
N THR B 292 26.72 -7.26 -7.41
CA THR B 292 27.60 -7.54 -8.54
C THR B 292 27.92 -6.28 -9.34
N LEU B 293 26.92 -5.41 -9.49
CA LEU B 293 27.10 -4.15 -10.20
C LEU B 293 27.65 -3.08 -9.25
N THR B 294 28.34 -3.54 -8.19
CA THR B 294 28.89 -2.62 -7.19
C THR B 294 30.03 -3.28 -6.40
B BO3 C . 22.57 22.02 -17.70
O1 BO3 C . 23.64 21.62 -16.87
O2 BO3 C . 22.57 21.68 -19.08
O3 BO3 C . 21.48 22.74 -17.16
CAC FLC D . 31.16 22.20 0.65
CA FLC D . 32.33 22.56 -0.27
CB FLC D . 32.83 21.50 -1.31
CBC FLC D . 32.72 22.11 -2.69
CG FLC D . 32.06 20.18 -1.29
CGC FLC D . 32.63 19.20 -2.30
OA1 FLC D . 30.60 21.14 0.64
OA2 FLC D . 30.74 23.13 1.54
OB1 FLC D . 33.72 22.28 -3.35
OB2 FLC D . 31.52 22.47 -3.17
OG1 FLC D . 33.59 19.50 -2.97
OG2 FLC D . 32.08 17.98 -2.43
OHB FLC D . 34.21 21.22 -1.05
B BO3 E . -29.23 -19.09 9.86
O1 BO3 E . -29.86 -17.87 10.18
O2 BO3 E . -28.94 -20.01 10.89
O3 BO3 E . -28.94 -19.42 8.52
#